data_8CKM
#
_entry.id   8CKM
#
_cell.length_a   104.110
_cell.length_b   27.650
_cell.length_c   92.240
_cell.angle_alpha   90.000
_cell.angle_beta   99.100
_cell.angle_gamma   90.000
#
_symmetry.space_group_name_H-M   'C 1 2 1'
#
_entity_poly.entity_id   1
_entity_poly.type   'polypeptide(L)'
_entity_poly.pdbx_seq_one_letter_code
;ETGPHMFWTGWGPWERCTAQCGGGIQARRRICENGPDCAGCNVEYQSCNTNPCPELKKTTPWTPWTPVNISDNGGHYEQR
FRYTCKARLADPNLLEVGRQRIEMRYCSSDGTSGCSTGTLEVLFQ
;
_entity_poly.pdbx_strand_id   A,B
#
# COMPACT_ATOMS: atom_id res chain seq x y z
N TRP A 8 23.47 -29.87 19.12
CA TRP A 8 22.64 -29.28 18.06
C TRP A 8 22.87 -29.98 16.73
N THR A 9 21.79 -30.10 15.95
CA THR A 9 21.88 -30.61 14.60
C THR A 9 22.26 -29.48 13.65
N GLY A 10 22.38 -29.81 12.37
CA GLY A 10 22.66 -28.80 11.38
C GLY A 10 21.53 -27.79 11.27
N TRP A 11 21.90 -26.54 11.00
CA TRP A 11 20.91 -25.49 10.83
C TRP A 11 20.04 -25.76 9.61
N GLY A 12 18.73 -25.58 9.78
CA GLY A 12 17.80 -25.78 8.69
C GLY A 12 17.86 -24.66 7.68
N PRO A 13 17.33 -24.92 6.49
CA PRO A 13 17.28 -23.87 5.47
C PRO A 13 16.33 -22.76 5.85
N TRP A 14 16.58 -21.58 5.31
CA TRP A 14 15.70 -20.44 5.53
C TRP A 14 14.33 -20.72 4.95
N GLU A 15 13.29 -20.49 5.75
CA GLU A 15 11.93 -20.84 5.35
C GLU A 15 11.33 -19.75 4.48
N ARG A 16 10.00 -19.64 4.49
CA ARG A 16 9.31 -18.67 3.65
C ARG A 16 9.49 -17.26 4.20
N CYS A 17 9.76 -16.32 3.31
CA CYS A 17 9.81 -14.91 3.69
C CYS A 17 8.39 -14.36 3.87
N THR A 18 8.25 -13.42 4.81
CA THR A 18 6.93 -12.91 5.16
C THR A 18 6.30 -12.15 4.00
N ALA A 19 7.02 -11.19 3.44
CA ALA A 19 6.50 -10.33 2.38
C ALA A 19 7.44 -10.37 1.18
N GLN A 20 6.86 -10.11 0.01
CA GLN A 20 7.65 -10.10 -1.21
C GLN A 20 8.56 -8.88 -1.32
N CYS A 21 8.26 -7.82 -0.56
CA CYS A 21 9.03 -6.59 -0.63
C CYS A 21 8.76 -5.77 0.62
N GLY A 22 9.55 -4.70 0.78
CA GLY A 22 9.29 -3.73 1.84
C GLY A 22 9.53 -4.24 3.24
N GLY A 23 10.33 -5.29 3.40
CA GLY A 23 10.65 -5.77 4.73
C GLY A 23 9.87 -6.99 5.15
N GLY A 24 10.57 -8.02 5.62
CA GLY A 24 9.96 -9.23 6.11
C GLY A 24 10.96 -9.97 6.96
N ILE A 25 10.54 -11.14 7.45
CA ILE A 25 11.41 -11.98 8.28
C ILE A 25 11.46 -13.37 7.68
N GLN A 26 12.65 -13.97 7.71
CA GLN A 26 12.88 -15.33 7.26
C GLN A 26 13.52 -16.11 8.40
N ALA A 27 13.11 -17.37 8.55
CA ALA A 27 13.44 -18.16 9.72
C ALA A 27 14.18 -19.43 9.34
N ARG A 28 15.16 -19.80 10.17
CA ARG A 28 15.81 -21.10 10.11
C ARG A 28 15.82 -21.68 11.52
N ARG A 29 15.75 -23.01 11.61
CA ARG A 29 15.60 -23.68 12.90
C ARG A 29 16.40 -24.97 12.93
N ARG A 30 16.63 -25.46 14.14
CA ARG A 30 17.35 -26.70 14.37
C ARG A 30 16.83 -27.33 15.66
N ILE A 31 17.17 -28.60 15.87
CA ILE A 31 16.69 -29.37 17.01
C ILE A 31 17.88 -29.97 17.73
N CYS A 32 17.87 -29.89 19.06
CA CYS A 32 18.91 -30.49 19.89
C CYS A 32 18.35 -31.81 20.44
N GLU A 33 18.63 -32.90 19.73
CA GLU A 33 18.16 -34.21 20.17
C GLU A 33 18.88 -34.65 21.43
N ASN A 34 18.16 -35.36 22.30
CA ASN A 34 18.70 -35.89 23.55
C ASN A 34 19.28 -34.79 24.44
N GLY A 35 18.59 -33.64 24.48
CA GLY A 35 19.04 -32.53 25.28
C GLY A 35 17.92 -31.56 25.59
N PRO A 36 17.59 -31.42 26.89
CA PRO A 36 16.52 -30.50 27.27
C PRO A 36 16.93 -29.04 27.19
N ASP A 37 18.10 -28.72 27.74
CA ASP A 37 18.63 -27.35 27.74
C ASP A 37 20.02 -27.38 27.11
N CYS A 38 20.08 -27.05 25.83
CA CYS A 38 21.35 -27.06 25.09
C CYS A 38 21.89 -25.65 24.94
N ALA A 39 23.12 -25.57 24.45
CA ALA A 39 23.85 -24.31 24.36
C ALA A 39 23.49 -23.60 23.06
N GLY A 40 22.86 -22.46 23.17
CA GLY A 40 22.53 -21.64 22.02
C GLY A 40 21.02 -21.54 21.82
N CYS A 41 20.66 -20.98 20.65
CA CYS A 41 19.28 -20.79 20.26
C CYS A 41 18.91 -21.78 19.17
N ASN A 42 17.70 -22.34 19.26
CA ASN A 42 17.23 -23.28 18.25
C ASN A 42 16.69 -22.58 17.01
N VAL A 43 16.35 -21.30 17.10
CA VAL A 43 15.71 -20.57 16.02
C VAL A 43 16.47 -19.29 15.74
N GLU A 44 16.64 -18.96 14.46
CA GLU A 44 17.33 -17.75 14.03
C GLU A 44 16.49 -17.02 13.00
N TYR A 45 16.46 -15.70 13.09
CA TYR A 45 15.68 -14.87 12.18
C TYR A 45 16.60 -13.92 11.41
N GLN A 46 16.14 -13.55 10.22
CA GLN A 46 16.82 -12.57 9.38
C GLN A 46 15.78 -11.73 8.66
N SER A 47 16.17 -10.52 8.28
CA SER A 47 15.32 -9.70 7.43
C SER A 47 15.39 -10.21 6.00
N CYS A 48 14.25 -10.19 5.31
CA CYS A 48 14.17 -10.69 3.95
C CYS A 48 13.31 -9.75 3.11
N ASN A 49 13.61 -9.71 1.82
CA ASN A 49 12.90 -8.88 0.85
C ASN A 49 12.86 -7.42 1.30
N THR A 50 14.04 -6.88 1.56
CA THR A 50 14.17 -5.50 2.00
C THR A 50 14.10 -4.51 0.84
N ASN A 51 13.92 -4.99 -0.38
CA ASN A 51 13.70 -4.09 -1.50
C ASN A 51 12.37 -3.33 -1.30
N PRO A 52 12.34 -2.04 -1.60
CA PRO A 52 11.08 -1.30 -1.51
C PRO A 52 10.07 -1.85 -2.50
N CYS A 53 8.80 -1.86 -2.09
CA CYS A 53 7.76 -2.41 -2.93
C CYS A 53 7.56 -1.55 -4.18
N PRO A 54 7.19 -2.16 -5.30
CA PRO A 54 6.98 -1.39 -6.53
C PRO A 54 5.80 -0.44 -6.37
N GLU A 55 5.89 0.67 -7.11
CA GLU A 55 4.87 1.71 -7.07
C GLU A 55 3.71 1.28 -7.96
N LEU A 56 2.84 0.45 -7.42
CA LEU A 56 1.65 0.03 -8.14
C LEU A 56 0.76 1.23 -8.41
N LYS A 57 0.12 1.24 -9.57
CA LYS A 57 -0.70 2.37 -9.99
C LYS A 57 -2.00 1.88 -10.62
N LYS A 58 -3.08 2.60 -10.32
CA LYS A 58 -4.38 2.40 -10.97
C LYS A 58 -4.92 3.76 -11.37
N THR A 59 -5.72 3.77 -12.45
CA THR A 59 -6.26 5.00 -13.01
C THR A 59 -7.71 5.18 -12.61
N THR A 60 -8.08 6.42 -12.25
CA THR A 60 -9.49 6.69 -12.00
C THR A 60 -10.26 6.70 -13.31
N PRO A 61 -11.58 6.51 -13.24
CA PRO A 61 -12.39 6.66 -14.46
C PRO A 61 -12.35 8.08 -14.98
N TRP A 62 -12.54 8.21 -16.29
CA TRP A 62 -12.63 9.53 -16.90
C TRP A 62 -13.85 10.27 -16.37
N THR A 63 -13.69 11.57 -16.16
CA THR A 63 -14.83 12.42 -15.86
C THR A 63 -15.69 12.55 -17.11
N PRO A 64 -16.97 12.88 -16.95
CA PRO A 64 -17.82 13.11 -18.13
C PRO A 64 -17.29 14.28 -18.94
N TRP A 65 -17.58 14.24 -20.25
CA TRP A 65 -17.14 15.30 -21.13
C TRP A 65 -17.92 16.59 -20.83
N THR A 66 -17.18 17.69 -20.66
CA THR A 66 -17.77 19.00 -20.40
C THR A 66 -17.18 20.02 -21.35
N PRO A 67 -17.99 20.98 -21.82
CA PRO A 67 -17.47 21.98 -22.75
C PRO A 67 -16.49 22.93 -22.07
N VAL A 68 -15.63 23.54 -22.89
CA VAL A 68 -14.67 24.51 -22.40
C VAL A 68 -15.17 25.92 -22.68
N HIS A 76 -15.57 25.23 -30.18
CA HIS A 76 -16.21 24.39 -29.18
C HIS A 76 -15.33 23.18 -28.86
N TYR A 77 -14.77 23.18 -27.65
CA TYR A 77 -13.93 22.09 -27.16
C TYR A 77 -14.56 21.46 -25.93
N GLU A 78 -14.52 20.13 -25.86
CA GLU A 78 -14.97 19.40 -24.69
C GLU A 78 -13.79 18.67 -24.07
N GLN A 79 -13.75 18.68 -22.74
CA GLN A 79 -12.61 18.15 -22.00
C GLN A 79 -13.07 17.14 -20.96
N ARG A 80 -12.13 16.29 -20.54
CA ARG A 80 -12.36 15.40 -19.42
C ARG A 80 -11.01 15.04 -18.81
N PHE A 81 -11.05 14.54 -17.57
CA PHE A 81 -9.85 14.39 -16.76
C PHE A 81 -9.83 13.02 -16.09
N ARG A 82 -8.63 12.55 -15.78
CA ARG A 82 -8.47 11.37 -14.95
C ARG A 82 -7.16 11.48 -14.19
N TYR A 83 -7.06 10.71 -13.11
CA TYR A 83 -5.90 10.70 -12.25
C TYR A 83 -5.42 9.26 -12.07
N THR A 84 -4.23 9.13 -11.48
CA THR A 84 -3.63 7.83 -11.22
C THR A 84 -3.31 7.73 -9.73
N CYS A 85 -3.72 6.63 -9.12
CA CYS A 85 -3.46 6.38 -7.70
C CYS A 85 -2.22 5.50 -7.57
N LYS A 86 -1.16 6.07 -6.98
CA LYS A 86 0.12 5.39 -6.88
C LYS A 86 0.35 4.96 -5.44
N ALA A 87 0.71 3.70 -5.24
CA ALA A 87 0.92 3.16 -3.92
C ALA A 87 2.04 2.13 -3.95
N ARG A 88 2.90 2.17 -2.93
CA ARG A 88 3.96 1.17 -2.75
C ARG A 88 3.34 -0.03 -2.05
N LEU A 89 2.91 -1.01 -2.85
CA LEU A 89 2.21 -2.17 -2.34
C LEU A 89 2.80 -3.45 -2.93
N ALA A 90 2.60 -4.54 -2.21
CA ALA A 90 2.92 -5.88 -2.71
C ALA A 90 1.72 -6.58 -3.32
N ASP A 91 0.56 -5.92 -3.35
CA ASP A 91 -0.65 -6.53 -3.87
C ASP A 91 -1.53 -5.46 -4.50
N PRO A 92 -1.83 -5.57 -5.81
CA PRO A 92 -2.74 -4.58 -6.42
C PRO A 92 -4.15 -4.62 -5.85
N ASN A 93 -4.58 -5.73 -5.27
CA ASN A 93 -5.92 -5.82 -4.69
C ASN A 93 -6.08 -4.96 -3.46
N LEU A 94 -4.99 -4.47 -2.87
CA LEU A 94 -5.06 -3.56 -1.73
C LEU A 94 -5.14 -2.10 -2.13
N LEU A 95 -5.15 -1.82 -3.44
CA LEU A 95 -5.28 -0.45 -3.95
C LEU A 95 -6.61 -0.34 -4.68
N GLU A 96 -7.36 0.71 -4.38
CA GLU A 96 -8.70 0.86 -4.95
C GLU A 96 -9.00 2.35 -5.13
N VAL A 97 -9.81 2.63 -6.13
CA VAL A 97 -10.21 4.00 -6.46
C VAL A 97 -11.64 4.20 -5.98
N GLY A 98 -11.87 5.28 -5.24
CA GLY A 98 -13.18 5.57 -4.71
C GLY A 98 -14.14 6.05 -5.77
N ARG A 99 -15.36 6.33 -5.33
CA ARG A 99 -16.40 6.79 -6.23
C ARG A 99 -16.08 8.20 -6.73
N GLN A 100 -16.78 8.59 -7.79
CA GLN A 100 -16.67 9.95 -8.30
C GLN A 100 -17.49 10.90 -7.44
N ARG A 101 -16.88 12.01 -7.05
CA ARG A 101 -17.54 13.04 -6.25
C ARG A 101 -17.87 14.22 -7.16
N ILE A 102 -19.15 14.55 -7.28
CA ILE A 102 -19.59 15.71 -8.05
C ILE A 102 -19.96 16.82 -7.08
N GLU A 103 -19.41 18.01 -7.30
CA GLU A 103 -19.75 19.19 -6.53
C GLU A 103 -20.35 20.22 -7.47
N MET A 104 -21.55 20.72 -7.13
CA MET A 104 -22.32 21.60 -8.00
C MET A 104 -22.68 22.87 -7.26
N ARG A 105 -22.66 23.99 -7.98
CA ARG A 105 -23.18 25.24 -7.46
C ARG A 105 -23.81 26.02 -8.62
N TYR A 106 -24.66 26.96 -8.28
CA TYR A 106 -25.46 27.64 -9.29
C TYR A 106 -24.76 28.89 -9.81
N CYS A 107 -25.13 29.28 -11.03
CA CYS A 107 -24.65 30.48 -11.69
C CYS A 107 -25.83 31.41 -11.94
N PHE B 7 24.98 -17.82 34.53
CA PHE B 7 23.54 -17.77 34.72
C PHE B 7 22.92 -16.64 33.90
N TRP B 8 21.71 -16.87 33.40
CA TRP B 8 20.98 -15.83 32.69
C TRP B 8 20.61 -14.70 33.65
N THR B 9 20.62 -13.47 33.12
CA THR B 9 20.18 -12.33 33.88
C THR B 9 18.70 -12.06 33.60
N GLY B 10 18.18 -10.98 34.18
CA GLY B 10 16.77 -10.65 33.99
C GLY B 10 16.46 -10.33 32.54
N TRP B 11 15.23 -10.67 32.14
CA TRP B 11 14.80 -10.41 30.78
C TRP B 11 14.66 -8.92 30.52
N GLY B 12 15.05 -8.52 29.32
CA GLY B 12 14.91 -7.14 28.92
C GLY B 12 13.51 -6.84 28.42
N PRO B 13 13.28 -5.57 28.07
CA PRO B 13 11.97 -5.18 27.51
C PRO B 13 11.75 -5.78 26.14
N TRP B 14 10.49 -5.82 25.73
CA TRP B 14 10.11 -6.38 24.44
C TRP B 14 10.54 -5.50 23.27
N GLU B 15 11.15 -4.34 23.55
CA GLU B 15 11.69 -3.43 22.55
C GLU B 15 10.62 -2.95 21.57
N ARG B 16 10.97 -2.98 20.28
CA ARG B 16 10.21 -2.36 19.20
C ARG B 16 9.61 -3.44 18.32
N CYS B 17 8.37 -3.22 17.90
CA CYS B 17 7.73 -4.09 16.93
C CYS B 17 8.30 -3.82 15.55
N THR B 18 8.40 -4.87 14.73
CA THR B 18 8.98 -4.73 13.40
C THR B 18 8.13 -3.82 12.51
N ALA B 19 6.82 -4.01 12.53
CA ALA B 19 5.92 -3.28 11.66
C ALA B 19 4.80 -2.65 12.49
N GLN B 20 4.17 -1.62 11.92
CA GLN B 20 3.10 -0.93 12.61
C GLN B 20 1.82 -1.74 12.65
N CYS B 21 1.60 -2.59 11.65
CA CYS B 21 0.38 -3.38 11.57
C CYS B 21 0.61 -4.56 10.64
N GLY B 22 -0.35 -5.47 10.62
CA GLY B 22 -0.27 -6.62 9.74
C GLY B 22 0.71 -7.69 10.17
N GLY B 23 1.12 -7.69 11.43
CA GLY B 23 2.00 -8.73 11.93
C GLY B 23 3.46 -8.32 12.02
N GLY B 24 4.05 -8.51 13.20
CA GLY B 24 5.45 -8.19 13.43
C GLY B 24 5.96 -8.99 14.60
N ILE B 25 7.24 -8.77 14.92
CA ILE B 25 7.90 -9.49 16.00
C ILE B 25 8.51 -8.49 16.97
N GLN B 26 8.38 -8.78 18.26
CA GLN B 26 9.02 -8.02 19.33
C GLN B 26 10.08 -8.89 19.99
N ALA B 27 11.23 -8.29 20.28
CA ALA B 27 12.38 -9.03 20.78
C ALA B 27 12.77 -8.56 22.17
N ARG B 28 13.03 -9.51 23.07
CA ARG B 28 13.61 -9.23 24.37
C ARG B 28 14.81 -10.14 24.59
N ARG B 29 15.79 -9.65 25.34
CA ARG B 29 17.08 -10.29 25.46
C ARG B 29 17.50 -10.41 26.92
N ARG B 30 18.49 -11.27 27.15
CA ARG B 30 19.19 -11.37 28.42
C ARG B 30 20.63 -11.76 28.13
N ILE B 31 21.45 -11.73 29.18
CA ILE B 31 22.90 -11.92 29.03
C ILE B 31 23.34 -13.07 29.93
N CYS B 32 24.14 -13.98 29.37
CA CYS B 32 24.73 -15.08 30.11
C CYS B 32 25.97 -14.54 30.84
N GLU B 33 25.82 -14.25 32.13
CA GLU B 33 26.89 -13.64 32.90
C GLU B 33 28.04 -14.62 33.08
N ASN B 34 29.26 -14.15 32.77
CA ASN B 34 30.49 -14.92 32.92
C ASN B 34 30.42 -16.26 32.19
N GLY B 35 29.78 -16.28 31.03
CA GLY B 35 29.62 -17.50 30.27
C GLY B 35 29.26 -17.24 28.82
N PRO B 36 29.87 -18.01 27.90
CA PRO B 36 29.53 -17.86 26.49
C PRO B 36 28.33 -18.68 26.08
N ASP B 37 28.12 -19.82 26.75
CA ASP B 37 27.07 -20.76 26.41
C ASP B 37 26.30 -21.12 27.69
N CYS B 38 25.22 -20.40 27.94
CA CYS B 38 24.26 -20.80 28.96
C CYS B 38 23.27 -21.80 28.37
N ALA B 39 22.42 -22.34 29.24
CA ALA B 39 21.52 -23.44 28.88
C ALA B 39 20.22 -22.97 28.27
N GLY B 40 20.25 -21.91 27.47
CA GLY B 40 19.03 -21.42 26.87
C GLY B 40 19.31 -20.53 25.68
N CYS B 41 18.26 -19.84 25.24
CA CYS B 41 18.34 -18.91 24.12
C CYS B 41 18.29 -17.49 24.66
N ASN B 42 19.24 -16.66 24.19
CA ASN B 42 19.40 -15.33 24.78
C ASN B 42 18.31 -14.36 24.38
N VAL B 43 17.66 -14.57 23.23
CA VAL B 43 16.68 -13.62 22.70
C VAL B 43 15.36 -14.35 22.49
N GLU B 44 14.26 -13.67 22.84
CA GLU B 44 12.92 -14.26 22.75
C GLU B 44 12.03 -13.36 21.91
N TYR B 45 11.18 -13.96 21.09
CA TYR B 45 10.32 -13.24 20.17
C TYR B 45 8.86 -13.47 20.50
N GLN B 46 8.03 -12.48 20.19
CA GLN B 46 6.58 -12.62 20.26
C GLN B 46 5.95 -11.74 19.19
N SER B 47 4.75 -12.11 18.77
CA SER B 47 4.04 -11.35 17.76
C SER B 47 3.55 -10.02 18.32
N CYS B 48 3.43 -9.03 17.43
CA CYS B 48 2.99 -7.71 17.83
C CYS B 48 2.33 -7.01 16.64
N ASN B 49 1.32 -6.20 16.94
CA ASN B 49 0.61 -5.40 15.94
C ASN B 49 0.04 -6.29 14.82
N THR B 50 -0.66 -7.33 15.23
CA THR B 50 -1.27 -8.25 14.29
C THR B 50 -2.54 -7.70 13.65
N ASN B 51 -3.01 -6.54 14.10
CA ASN B 51 -4.19 -5.93 13.51
C ASN B 51 -3.92 -5.57 12.05
N PRO B 52 -4.93 -5.68 11.18
CA PRO B 52 -4.74 -5.29 9.78
C PRO B 52 -4.45 -3.81 9.66
N CYS B 53 -3.68 -3.46 8.63
CA CYS B 53 -3.31 -2.07 8.43
C CYS B 53 -4.52 -1.25 7.99
N PRO B 54 -4.62 0.01 8.44
CA PRO B 54 -5.81 0.81 8.13
C PRO B 54 -5.88 1.18 6.65
N GLU B 55 -7.10 1.49 6.21
CA GLU B 55 -7.35 1.88 4.82
C GLU B 55 -7.21 3.39 4.73
N LEU B 56 -6.01 3.86 4.43
CA LEU B 56 -5.76 5.27 4.26
C LEU B 56 -6.45 5.78 2.99
N LYS B 57 -6.97 7.00 3.05
CA LYS B 57 -7.66 7.62 1.93
C LYS B 57 -7.06 9.00 1.66
N LYS B 58 -6.86 9.29 0.38
CA LYS B 58 -6.42 10.61 -0.06
C LYS B 58 -7.28 11.07 -1.22
N THR B 59 -7.54 12.38 -1.27
CA THR B 59 -8.43 12.95 -2.27
C THR B 59 -7.64 13.48 -3.45
N THR B 60 -8.16 13.25 -4.65
CA THR B 60 -7.59 13.86 -5.84
C THR B 60 -7.94 15.34 -5.89
N PRO B 61 -7.14 16.13 -6.59
CA PRO B 61 -7.48 17.55 -6.76
C PRO B 61 -8.77 17.72 -7.55
N TRP B 62 -9.49 18.78 -7.23
CA TRP B 62 -10.73 19.09 -7.93
C TRP B 62 -10.46 19.45 -9.38
N THR B 63 -11.35 19.00 -10.28
CA THR B 63 -11.35 19.48 -11.63
C THR B 63 -11.85 20.91 -11.67
N PRO B 64 -11.48 21.69 -12.69
CA PRO B 64 -12.02 23.05 -12.81
C PRO B 64 -13.52 23.04 -12.96
N TRP B 65 -14.16 24.07 -12.39
CA TRP B 65 -15.61 24.22 -12.49
C TRP B 65 -16.02 24.37 -13.95
N THR B 66 -17.03 23.60 -14.35
CA THR B 66 -17.51 23.60 -15.72
C THR B 66 -19.04 23.69 -15.75
N PRO B 67 -19.61 24.40 -16.71
CA PRO B 67 -21.07 24.49 -16.79
C PRO B 67 -21.70 23.16 -17.15
N VAL B 68 -22.98 23.04 -16.83
CA VAL B 68 -23.75 21.83 -17.09
C VAL B 68 -24.53 21.92 -18.40
N ASN B 69 -25.27 23.01 -18.58
CA ASN B 69 -26.07 23.18 -19.79
C ASN B 69 -25.61 24.40 -20.58
N HIS B 76 -28.56 27.85 -14.94
CA HIS B 76 -27.17 27.53 -15.21
C HIS B 76 -26.45 27.10 -13.94
N TYR B 77 -25.97 25.87 -13.91
CA TYR B 77 -25.21 25.32 -12.81
C TYR B 77 -23.81 24.96 -13.29
N GLU B 78 -22.85 24.99 -12.37
CA GLU B 78 -21.48 24.59 -12.65
C GLU B 78 -21.08 23.44 -11.74
N GLN B 79 -20.31 22.50 -12.29
CA GLN B 79 -19.96 21.27 -11.60
C GLN B 79 -18.46 21.00 -11.74
N ARG B 80 -17.98 20.12 -10.87
CA ARG B 80 -16.59 19.67 -10.89
C ARG B 80 -16.50 18.31 -10.22
N PHE B 81 -15.39 17.61 -10.46
CA PHE B 81 -15.27 16.21 -10.11
C PHE B 81 -13.94 15.90 -9.45
N ARG B 82 -13.94 14.86 -8.63
CA ARG B 82 -12.73 14.36 -7.99
C ARG B 82 -12.96 12.92 -7.55
N TYR B 83 -11.87 12.23 -7.24
CA TYR B 83 -11.92 10.84 -6.80
C TYR B 83 -11.09 10.70 -5.53
N THR B 84 -11.11 9.49 -4.97
CA THR B 84 -10.37 9.18 -3.75
C THR B 84 -9.48 7.97 -4.01
N CYS B 85 -8.23 8.05 -3.57
CA CYS B 85 -7.30 6.94 -3.64
C CYS B 85 -7.24 6.26 -2.29
N LYS B 86 -7.54 4.97 -2.25
CA LYS B 86 -7.61 4.20 -1.02
C LYS B 86 -6.60 3.07 -1.07
N ALA B 87 -5.81 2.94 -0.01
CA ALA B 87 -4.79 1.89 0.06
C ALA B 87 -4.60 1.47 1.51
N ARG B 88 -4.40 0.16 1.71
CA ARG B 88 -4.11 -0.38 3.04
C ARG B 88 -2.61 -0.35 3.25
N LEU B 89 -2.13 0.63 4.01
CA LEU B 89 -0.71 0.83 4.23
C LEU B 89 -0.46 1.29 5.65
N ALA B 90 0.77 1.08 6.12
CA ALA B 90 1.19 1.55 7.42
C ALA B 90 1.85 2.92 7.36
N ASP B 91 2.00 3.51 6.17
CA ASP B 91 2.68 4.78 6.04
C ASP B 91 2.00 5.65 4.98
N PRO B 92 1.59 6.86 5.32
CA PRO B 92 0.95 7.73 4.32
C PRO B 92 1.88 8.14 3.19
N ASN B 93 3.19 8.17 3.43
CA ASN B 93 4.14 8.56 2.40
C ASN B 93 4.20 7.56 1.25
N LEU B 94 3.64 6.36 1.42
CA LEU B 94 3.63 5.34 0.39
C LEU B 94 2.42 5.42 -0.52
N LEU B 95 1.51 6.36 -0.28
CA LEU B 95 0.33 6.56 -1.12
C LEU B 95 0.37 7.97 -1.69
N GLU B 96 0.18 8.08 -3.00
CA GLU B 96 0.22 9.37 -3.68
C GLU B 96 -0.74 9.36 -4.85
N VAL B 97 -1.13 10.55 -5.29
CA VAL B 97 -1.99 10.73 -6.44
C VAL B 97 -1.16 11.26 -7.59
N GLY B 98 -1.31 10.65 -8.76
CA GLY B 98 -0.55 11.05 -9.92
C GLY B 98 -1.06 12.35 -10.51
N ARG B 99 -0.34 12.80 -11.55
CA ARG B 99 -0.68 14.06 -12.21
C ARG B 99 -2.02 13.94 -12.92
N GLN B 100 -2.68 15.09 -13.09
CA GLN B 100 -3.95 15.13 -13.79
C GLN B 100 -3.74 15.01 -15.28
N ARG B 101 -4.41 14.04 -15.90
CA ARG B 101 -4.33 13.82 -17.33
C ARG B 101 -5.58 14.39 -17.98
N ILE B 102 -5.38 15.28 -18.96
CA ILE B 102 -6.47 15.98 -19.62
C ILE B 102 -6.57 15.48 -21.05
N GLU B 103 -7.78 15.11 -21.47
CA GLU B 103 -8.08 14.76 -22.85
C GLU B 103 -9.17 15.70 -23.35
N MET B 104 -8.91 16.36 -24.48
CA MET B 104 -9.88 17.24 -25.11
C MET B 104 -10.31 16.67 -26.45
N ARG B 105 -11.27 17.35 -27.06
CA ARG B 105 -11.70 17.03 -28.43
C ARG B 105 -12.38 18.26 -29.01
N TYR B 106 -12.53 18.24 -30.33
CA TYR B 106 -13.12 19.34 -31.07
C TYR B 106 -14.57 19.02 -31.41
N CYS B 107 -15.47 19.97 -31.13
CA CYS B 107 -16.88 19.83 -31.50
C CYS B 107 -17.25 20.60 -32.76
N SER B 108 -16.38 21.50 -33.22
CA SER B 108 -16.49 22.15 -34.52
C SER B 108 -17.70 23.07 -34.64
N SER B 109 -18.05 23.41 -35.89
CA SER B 109 -19.04 24.45 -36.14
C SER B 109 -20.42 24.10 -35.61
N ASP B 110 -20.77 22.81 -35.60
CA ASP B 110 -22.07 22.41 -35.06
C ASP B 110 -22.18 22.69 -33.57
N GLY B 111 -21.05 22.83 -32.87
CA GLY B 111 -21.05 22.79 -31.43
C GLY B 111 -21.29 21.41 -30.86
N THR B 112 -21.63 20.44 -31.69
CA THR B 112 -21.88 19.06 -31.29
C THR B 112 -21.18 18.13 -32.26
N SER B 113 -21.84 17.80 -33.37
CA SER B 113 -21.30 16.94 -34.41
C SER B 113 -20.77 15.64 -33.82
N GLY B 114 -19.45 15.48 -33.79
CA GLY B 114 -18.85 14.31 -33.18
C GLY B 114 -18.87 14.32 -31.67
N CYS B 115 -18.96 15.50 -31.05
CA CYS B 115 -18.97 15.59 -29.60
C CYS B 115 -20.26 15.02 -29.02
N SER B 116 -21.41 15.44 -29.55
CA SER B 116 -22.69 15.12 -28.94
C SER B 116 -23.66 14.40 -29.86
N THR B 117 -23.78 14.84 -31.11
CA THR B 117 -24.74 14.25 -32.04
C THR B 117 -24.15 13.07 -32.82
N GLY B 118 -22.90 12.69 -32.53
CA GLY B 118 -22.33 11.51 -33.15
C GLY B 118 -22.16 11.68 -34.65
N THR B 119 -22.72 10.73 -35.40
CA THR B 119 -22.71 10.76 -36.85
C THR B 119 -24.11 11.13 -37.33
N LEU B 120 -24.24 12.29 -37.97
CA LEU B 120 -25.51 12.72 -38.51
C LEU B 120 -25.79 11.98 -39.81
N GLU B 121 -26.85 11.18 -39.82
CA GLU B 121 -27.23 10.40 -40.99
C GLU B 121 -28.53 10.93 -41.56
N VAL B 122 -28.51 11.31 -42.83
CA VAL B 122 -29.69 11.87 -43.49
C VAL B 122 -30.05 10.97 -44.66
N LEU B 123 -31.32 10.61 -44.77
CA LEU B 123 -31.82 9.73 -45.81
C LEU B 123 -32.52 10.59 -46.88
N PHE B 124 -32.07 10.47 -48.12
CA PHE B 124 -32.68 11.18 -49.25
C PHE B 124 -33.23 10.18 -50.27
#